data_7XBU
#
_entry.id   7XBU
#
_cell.length_a   77.040
_cell.length_b   77.040
_cell.length_c   192.201
_cell.angle_alpha   90.000
_cell.angle_beta   90.000
_cell.angle_gamma   90.000
#
_symmetry.space_group_name_H-M   'P 41 21 2'
#
loop_
_entity.id
_entity.type
_entity.pdbx_description
1 polymer CmnG
2 non-polymer '(2S)-amino[(4R)-2-amino-1,4,5,6-tetrahydropyrimidin-4-yl]ethanoic acid'
3 water water
#
_entity_poly.entity_id   1
_entity_poly.type   'polypeptide(L)'
_entity_poly.pdbx_seq_one_letter_code
;VTADAALEPDERAAWLAYNDTAEDFPGPHLLARLDAVAREHPDRPAVHAVDGVWTYRELHRRADAVAAFLAARGVRPGSV
VAIAATRALAPYAALLGVLKAGCAYVPVNPDDPADRVAFVLADAGATPLLLDTDPASLPAAPAPDVPHEPDRVCYVIYTS
GSTGRPKGVVMAERAVDNLTHWVVRRHDVRPDDRLGQTAPLTFDPSVQQVFPAWATGACLVTVPDDVQRDPAAFLDWLRA
ERVTHLDLVTSHWVHLLNAAEARPAELPDLRWIIIGGETYYYHQTHRWHRVVSSPARLNTIYGPTEAAVNATEHLTEPDL
DHGQVPIGVPLPNYRLYALDDDGRLCPPGITGEIHIAGAGLARGYRSAEATAKAFHELEVHSGRTERLYRTGDLARLVRH
ADRWALEFQGRVDSQVKISGYRVELEEVDAAVKAVPGVRDAAVVVRGEPAEQLVCCYVGDVPPDRLRSRLTERLPAYLVP
HLLVPVEALPFTRNGKMDTAELAELVRRFARDS
;
_entity_poly.pdbx_strand_id   A
#
# COMPACT_ATOMS: atom_id res chain seq x y z
N VAL A 1 -14.23 20.87 -26.20
CA VAL A 1 -14.81 19.54 -26.12
C VAL A 1 -13.90 18.60 -25.33
N THR A 2 -12.77 18.22 -25.94
CA THR A 2 -11.83 17.32 -25.29
C THR A 2 -10.98 18.08 -24.27
N ALA A 3 -10.32 17.31 -23.39
CA ALA A 3 -9.52 17.91 -22.33
C ALA A 3 -8.23 18.50 -22.87
N ASP A 4 -7.72 17.99 -23.99
CA ASP A 4 -6.50 18.50 -24.57
C ASP A 4 -6.75 19.59 -25.61
N ALA A 5 -8.00 20.09 -25.72
CA ALA A 5 -8.37 20.96 -26.82
C ALA A 5 -7.42 22.15 -26.97
N ALA A 6 -7.04 22.79 -25.87
CA ALA A 6 -6.29 24.03 -25.95
C ALA A 6 -4.80 23.84 -26.22
N LEU A 7 -4.26 22.62 -26.08
CA LEU A 7 -2.83 22.40 -26.24
C LEU A 7 -2.40 22.55 -27.70
N GLU A 8 -1.15 23.00 -27.88
CA GLU A 8 -0.50 22.95 -29.18
C GLU A 8 0.04 21.56 -29.44
N PRO A 9 0.30 21.20 -30.70
CA PRO A 9 0.78 19.84 -30.99
C PRO A 9 1.96 19.38 -30.14
N ASP A 10 2.99 20.20 -29.97
CA ASP A 10 4.14 19.79 -29.17
C ASP A 10 3.73 19.44 -27.74
N GLU A 11 2.75 20.15 -27.18
CA GLU A 11 2.32 19.93 -25.81
C GLU A 11 1.42 18.72 -25.71
N ARG A 12 0.54 18.53 -26.69
CA ARG A 12 -0.23 17.31 -26.78
C ARG A 12 0.66 16.10 -27.03
N ALA A 13 1.78 16.29 -27.74
CA ALA A 13 2.64 15.17 -28.07
C ALA A 13 3.36 14.66 -26.83
N ALA A 14 3.76 15.57 -25.95
CA ALA A 14 4.39 15.18 -24.70
C ALA A 14 3.49 14.26 -23.89
N TRP A 15 2.19 14.61 -23.81
CA TRP A 15 1.24 13.79 -23.07
C TRP A 15 1.00 12.45 -23.75
N LEU A 16 0.97 12.44 -25.07
CA LEU A 16 0.81 11.17 -25.78
C LEU A 16 2.01 10.26 -25.55
N ALA A 17 3.23 10.80 -25.54
CA ALA A 17 4.39 9.94 -25.31
C ALA A 17 4.41 9.41 -23.88
N TYR A 18 4.01 10.24 -22.91
CA TYR A 18 4.11 9.88 -21.49
C TYR A 18 3.24 8.67 -21.17
N ASN A 19 2.06 8.58 -21.78
CA ASN A 19 1.08 7.54 -21.50
C ASN A 19 1.10 6.42 -22.53
N ASP A 20 2.18 6.31 -23.30
CA ASP A 20 2.37 5.19 -24.21
C ASP A 20 2.89 4.02 -23.37
N THR A 21 1.96 3.35 -22.68
CA THR A 21 2.34 2.43 -21.61
C THR A 21 1.81 1.01 -21.78
N ALA A 22 1.15 0.69 -22.89
CA ALA A 22 0.52 -0.62 -23.00
C ALA A 22 1.57 -1.72 -22.96
N GLU A 23 1.25 -2.81 -22.23
CA GLU A 23 2.10 -4.00 -22.19
C GLU A 23 1.21 -5.21 -21.92
N ASP A 24 1.40 -6.28 -22.68
CA ASP A 24 0.65 -7.52 -22.54
C ASP A 24 1.51 -8.55 -21.81
N PHE A 25 0.96 -9.14 -20.74
CA PHE A 25 1.70 -10.09 -19.92
C PHE A 25 1.20 -11.50 -20.15
N PRO A 26 2.06 -12.50 -20.07
CA PRO A 26 1.65 -13.86 -20.41
C PRO A 26 1.12 -14.66 -19.23
N GLY A 27 1.04 -15.97 -19.43
CA GLY A 27 0.74 -16.91 -18.38
C GLY A 27 -0.70 -16.77 -17.98
N PRO A 28 -1.18 -17.71 -17.17
CA PRO A 28 -2.57 -17.67 -16.71
C PRO A 28 -2.78 -16.56 -15.69
N HIS A 29 -4.01 -16.43 -15.22
CA HIS A 29 -4.37 -15.42 -14.24
C HIS A 29 -3.61 -15.65 -12.91
N LEU A 30 -3.72 -14.66 -12.02
CA LEU A 30 -2.88 -14.59 -10.82
C LEU A 30 -2.98 -15.85 -9.97
N LEU A 31 -4.19 -16.21 -9.53
CA LEU A 31 -4.32 -17.37 -8.66
C LEU A 31 -3.76 -18.62 -9.31
N ALA A 32 -3.98 -18.77 -10.63
CA ALA A 32 -3.45 -19.93 -11.32
C ALA A 32 -1.93 -19.96 -11.26
N ARG A 33 -1.29 -18.81 -11.45
CA ARG A 33 0.16 -18.79 -11.33
C ARG A 33 0.59 -19.17 -9.92
N LEU A 34 -0.15 -18.72 -8.90
CA LEU A 34 0.14 -19.11 -7.53
C LEU A 34 0.04 -20.64 -7.33
N ASP A 35 -0.97 -21.27 -7.95
CA ASP A 35 -1.09 -22.72 -7.83
C ASP A 35 0.02 -23.44 -8.57
N ALA A 36 0.47 -22.90 -9.71
CA ALA A 36 1.56 -23.53 -10.45
C ALA A 36 2.85 -23.50 -9.65
N VAL A 37 3.12 -22.40 -8.94
CA VAL A 37 4.30 -22.33 -8.08
C VAL A 37 4.22 -23.37 -6.95
N ALA A 38 3.04 -23.53 -6.35
CA ALA A 38 2.89 -24.56 -5.34
C ALA A 38 3.14 -25.95 -5.92
N ARG A 39 2.81 -26.19 -7.20
CA ARG A 39 3.12 -27.49 -7.78
C ARG A 39 4.60 -27.61 -8.12
N GLU A 40 5.21 -26.54 -8.64
CA GLU A 40 6.61 -26.63 -9.03
C GLU A 40 7.55 -26.61 -7.83
N HIS A 41 7.24 -25.82 -6.79
CA HIS A 41 8.16 -25.61 -5.67
C HIS A 41 7.53 -25.90 -4.31
N PRO A 42 6.96 -27.09 -4.10
CA PRO A 42 6.25 -27.35 -2.84
C PRO A 42 7.13 -27.25 -1.58
N ASP A 43 8.43 -27.54 -1.67
CA ASP A 43 9.32 -27.58 -0.51
C ASP A 43 9.99 -26.24 -0.19
N ARG A 44 9.95 -25.26 -1.09
CA ARG A 44 10.51 -23.94 -0.83
C ARG A 44 9.76 -23.26 0.32
N PRO A 45 10.42 -22.36 1.06
CA PRO A 45 9.69 -21.53 2.04
C PRO A 45 8.87 -20.46 1.34
N ALA A 46 7.58 -20.39 1.67
CA ALA A 46 6.71 -19.40 1.05
C ALA A 46 6.44 -18.20 1.95
N VAL A 47 6.34 -18.41 3.27
CA VAL A 47 6.13 -17.29 4.18
C VAL A 47 6.94 -17.56 5.46
N HIS A 48 7.71 -16.56 5.86
CA HIS A 48 8.53 -16.55 7.07
C HIS A 48 7.94 -15.47 7.98
N ALA A 49 7.24 -15.89 9.02
CA ALA A 49 6.59 -14.98 9.95
C ALA A 49 7.22 -15.19 11.32
N VAL A 50 6.61 -14.59 12.34
CA VAL A 50 7.26 -14.53 13.65
C VAL A 50 7.14 -15.86 14.40
N ASP A 51 6.18 -16.70 14.03
CA ASP A 51 6.01 -17.99 14.70
C ASP A 51 6.42 -19.18 13.83
N GLY A 52 6.97 -18.95 12.64
CA GLY A 52 7.66 -20.02 11.95
C GLY A 52 7.74 -19.75 10.46
N VAL A 53 8.14 -20.80 9.74
CA VAL A 53 8.19 -20.80 8.27
C VAL A 53 7.28 -21.90 7.74
N TRP A 54 6.54 -21.58 6.66
CA TRP A 54 5.70 -22.53 5.93
C TRP A 54 6.25 -22.72 4.52
N THR A 55 6.43 -23.97 4.12
CA THR A 55 6.62 -24.32 2.71
C THR A 55 5.39 -23.93 1.90
N TYR A 56 5.57 -23.88 0.58
CA TYR A 56 4.43 -23.67 -0.31
C TYR A 56 3.37 -24.76 -0.14
N ARG A 57 3.80 -26.01 0.08
CA ARG A 57 2.83 -27.07 0.28
C ARG A 57 1.99 -26.79 1.52
N GLU A 58 2.64 -26.50 2.64
CA GLU A 58 1.89 -26.25 3.87
C GLU A 58 0.99 -25.03 3.73
N LEU A 59 1.51 -23.96 3.11
CA LEU A 59 0.71 -22.76 2.90
C LEU A 59 -0.59 -23.06 2.14
N HIS A 60 -0.49 -23.80 1.02
CA HIS A 60 -1.70 -24.07 0.23
C HIS A 60 -2.61 -25.09 0.90
N ARG A 61 -2.03 -26.06 1.62
CA ARG A 61 -2.81 -26.94 2.47
C ARG A 61 -3.61 -26.16 3.49
N ARG A 62 -2.96 -25.27 4.24
CA ARG A 62 -3.70 -24.52 5.25
C ARG A 62 -4.73 -23.63 4.58
N ALA A 63 -4.36 -23.02 3.45
CA ALA A 63 -5.31 -22.19 2.72
C ALA A 63 -6.48 -23.02 2.22
N ASP A 64 -6.21 -24.23 1.72
CA ASP A 64 -7.28 -25.13 1.29
C ASP A 64 -8.24 -25.39 2.45
N ALA A 65 -7.70 -25.71 3.63
CA ALA A 65 -8.55 -25.91 4.79
C ALA A 65 -9.43 -24.69 5.05
N VAL A 66 -8.87 -23.49 4.92
CA VAL A 66 -9.64 -22.28 5.18
C VAL A 66 -10.79 -22.15 4.18
N ALA A 67 -10.50 -22.41 2.90
CA ALA A 67 -11.50 -22.24 1.86
C ALA A 67 -12.62 -23.27 1.98
N ALA A 68 -12.26 -24.51 2.35
CA ALA A 68 -13.28 -25.53 2.58
C ALA A 68 -14.15 -25.18 3.78
N PHE A 69 -13.55 -24.66 4.84
CA PHE A 69 -14.33 -24.21 6.00
C PHE A 69 -15.34 -23.14 5.57
N LEU A 70 -14.87 -22.16 4.79
CA LEU A 70 -15.77 -21.07 4.38
C LEU A 70 -16.92 -21.58 3.53
N ALA A 71 -16.64 -22.55 2.64
CA ALA A 71 -17.71 -23.17 1.86
C ALA A 71 -18.66 -23.93 2.76
N ALA A 72 -18.13 -24.60 3.79
CA ALA A 72 -18.97 -25.37 4.69
C ALA A 72 -19.92 -24.49 5.49
N ARG A 73 -19.56 -23.22 5.72
CA ARG A 73 -20.41 -22.30 6.47
C ARG A 73 -21.21 -21.35 5.57
N GLY A 74 -21.36 -21.69 4.28
CA GLY A 74 -22.24 -20.93 3.40
C GLY A 74 -21.69 -19.65 2.83
N VAL A 75 -20.36 -19.51 2.77
CA VAL A 75 -19.70 -18.31 2.24
C VAL A 75 -19.45 -18.58 0.76
N ARG A 76 -20.28 -18.06 -0.09
CA ARG A 76 -20.19 -18.39 -1.50
C ARG A 76 -19.27 -17.40 -2.22
N PRO A 77 -18.79 -17.77 -3.41
CA PRO A 77 -17.92 -16.85 -4.17
C PRO A 77 -18.53 -15.45 -4.29
N GLY A 78 -17.66 -14.44 -4.28
CA GLY A 78 -18.08 -13.06 -4.24
C GLY A 78 -18.40 -12.51 -2.86
N SER A 79 -18.19 -13.28 -1.81
CA SER A 79 -18.35 -12.72 -0.47
C SER A 79 -17.05 -12.03 -0.03
N VAL A 80 -17.14 -11.25 1.03
CA VAL A 80 -16.01 -10.54 1.63
C VAL A 80 -15.76 -11.14 3.01
N VAL A 81 -14.51 -11.49 3.29
CA VAL A 81 -14.14 -12.18 4.53
C VAL A 81 -13.06 -11.37 5.23
N ALA A 82 -13.25 -11.09 6.51
CA ALA A 82 -12.23 -10.39 7.28
C ALA A 82 -11.12 -11.37 7.65
N ILE A 83 -9.89 -10.85 7.68
CA ILE A 83 -8.74 -11.62 8.14
C ILE A 83 -7.98 -10.77 9.14
N ALA A 84 -7.58 -11.38 10.25
CA ALA A 84 -6.84 -10.66 11.29
C ALA A 84 -5.41 -10.42 10.82
N ALA A 85 -5.08 -9.16 10.50
CA ALA A 85 -3.72 -8.79 10.09
C ALA A 85 -2.78 -8.84 11.29
N THR A 86 -1.88 -9.82 11.30
CA THR A 86 -0.84 -9.91 12.30
C THR A 86 0.45 -10.28 11.59
N ARG A 87 1.51 -10.39 12.37
CA ARG A 87 2.82 -10.78 11.85
C ARG A 87 3.08 -12.26 12.02
N ALA A 88 2.03 -13.05 12.29
CA ALA A 88 2.19 -14.50 12.43
C ALA A 88 1.90 -15.20 11.11
N LEU A 89 1.91 -16.54 11.13
CA LEU A 89 1.63 -17.31 9.91
C LEU A 89 0.14 -17.30 9.56
N ALA A 90 -0.76 -17.46 10.55
CA ALA A 90 -2.20 -17.57 10.32
C ALA A 90 -2.77 -16.64 9.25
N PRO A 91 -2.48 -15.34 9.22
CA PRO A 91 -3.16 -14.47 8.26
C PRO A 91 -2.88 -14.83 6.81
N TYR A 92 -1.75 -15.46 6.52
CA TYR A 92 -1.44 -15.76 5.12
C TYR A 92 -2.27 -16.92 4.59
N ALA A 93 -2.57 -17.91 5.42
CA ALA A 93 -3.48 -18.98 5.00
C ALA A 93 -4.89 -18.45 4.92
N ALA A 94 -5.25 -17.52 5.82
CA ALA A 94 -6.56 -16.89 5.78
C ALA A 94 -6.78 -16.13 4.48
N LEU A 95 -5.88 -15.22 4.13
CA LEU A 95 -6.12 -14.39 2.95
C LEU A 95 -6.02 -15.22 1.67
N LEU A 96 -5.09 -16.18 1.61
CA LEU A 96 -5.03 -17.08 0.45
C LEU A 96 -6.25 -17.99 0.39
N GLY A 97 -6.71 -18.50 1.53
CA GLY A 97 -7.85 -19.41 1.54
C GLY A 97 -9.14 -18.70 1.20
N VAL A 98 -9.26 -17.44 1.60
CA VAL A 98 -10.35 -16.59 1.14
C VAL A 98 -10.31 -16.44 -0.38
N LEU A 99 -9.12 -16.28 -0.96
CA LEU A 99 -9.03 -16.10 -2.42
C LEU A 99 -9.38 -17.38 -3.16
N LYS A 100 -8.97 -18.53 -2.64
CA LYS A 100 -9.32 -19.80 -3.25
C LYS A 100 -10.81 -20.08 -3.11
N ALA A 101 -11.47 -19.45 -2.14
CA ALA A 101 -12.92 -19.51 -2.02
C ALA A 101 -13.62 -18.61 -3.01
N GLY A 102 -12.88 -17.96 -3.91
CA GLY A 102 -13.51 -17.02 -4.81
C GLY A 102 -13.97 -15.77 -4.12
N CYS A 103 -13.41 -15.47 -2.96
CA CYS A 103 -13.84 -14.35 -2.14
C CYS A 103 -12.75 -13.29 -2.10
N ALA A 104 -13.08 -12.18 -1.45
CA ALA A 104 -12.19 -11.06 -1.25
C ALA A 104 -11.94 -10.88 0.25
N TYR A 105 -10.71 -10.58 0.62
CA TYR A 105 -10.35 -10.43 2.01
C TYR A 105 -10.32 -8.96 2.37
N VAL A 106 -10.83 -8.65 3.55
CA VAL A 106 -10.64 -7.31 4.12
C VAL A 106 -9.71 -7.46 5.31
N PRO A 107 -8.53 -6.83 5.29
CA PRO A 107 -7.58 -6.99 6.40
C PRO A 107 -7.97 -6.09 7.57
N VAL A 108 -8.04 -6.68 8.76
CA VAL A 108 -8.43 -5.97 9.96
C VAL A 108 -7.33 -6.08 11.01
N ASN A 109 -6.97 -4.95 11.62
CA ASN A 109 -5.98 -5.04 12.69
C ASN A 109 -6.71 -5.38 14.00
N PRO A 110 -6.49 -6.56 14.57
CA PRO A 110 -7.24 -6.96 15.77
C PRO A 110 -6.95 -6.12 17.00
N ASP A 111 -5.80 -5.45 17.05
CA ASP A 111 -5.58 -4.50 18.12
C ASP A 111 -6.32 -3.18 17.93
N ASP A 112 -6.89 -2.93 16.74
CA ASP A 112 -7.59 -1.66 16.51
C ASP A 112 -8.80 -1.53 17.42
N PRO A 113 -9.25 -0.30 17.68
CA PRO A 113 -10.43 -0.12 18.51
C PRO A 113 -11.62 -0.85 17.90
N ALA A 114 -12.41 -1.48 18.78
CA ALA A 114 -13.52 -2.33 18.36
C ALA A 114 -14.53 -1.55 17.52
N ASP A 115 -14.75 -0.27 17.86
CA ASP A 115 -15.74 0.50 17.10
C ASP A 115 -15.31 0.65 15.65
N ARG A 116 -14.00 0.82 15.41
CA ARG A 116 -13.55 0.95 14.04
C ARG A 116 -13.57 -0.39 13.30
N VAL A 117 -13.34 -1.49 14.01
CA VAL A 117 -13.46 -2.81 13.39
C VAL A 117 -14.90 -3.08 12.99
N ALA A 118 -15.84 -2.76 13.89
CA ALA A 118 -17.26 -2.92 13.57
C ALA A 118 -17.62 -2.14 12.31
N PHE A 119 -17.16 -0.89 12.19
CA PHE A 119 -17.44 -0.16 10.97
C PHE A 119 -16.93 -0.94 9.75
N VAL A 120 -15.69 -1.43 9.81
CA VAL A 120 -15.09 -2.04 8.64
C VAL A 120 -15.84 -3.31 8.25
N LEU A 121 -16.24 -4.14 9.23
CA LEU A 121 -17.05 -5.31 8.93
C LEU A 121 -18.37 -4.93 8.25
N ALA A 122 -19.01 -3.88 8.73
CA ALA A 122 -20.30 -3.49 8.17
C ALA A 122 -20.14 -2.89 6.79
N ASP A 123 -19.18 -1.97 6.64
CA ASP A 123 -19.00 -1.31 5.34
C ASP A 123 -18.48 -2.28 4.28
N ALA A 124 -17.67 -3.26 4.69
CA ALA A 124 -17.14 -4.24 3.73
C ALA A 124 -18.11 -5.35 3.39
N GLY A 125 -19.22 -5.49 4.11
CA GLY A 125 -20.06 -6.66 3.94
C GLY A 125 -19.37 -7.93 4.37
N ALA A 126 -18.48 -7.84 5.35
CA ALA A 126 -17.54 -8.92 5.63
C ALA A 126 -18.04 -9.80 6.77
N THR A 127 -17.88 -11.11 6.60
CA THR A 127 -18.15 -11.95 7.76
C THR A 127 -16.92 -12.02 8.68
N PRO A 128 -17.13 -12.13 10.01
CA PRO A 128 -15.99 -12.19 10.93
C PRO A 128 -15.64 -13.62 11.38
N LEU A 129 -16.12 -14.62 10.63
CA LEU A 129 -15.89 -16.04 10.95
C LEU A 129 -14.42 -16.37 11.23
N LEU A 130 -13.51 -15.84 10.41
CA LEU A 130 -12.08 -16.07 10.56
C LEU A 130 -11.43 -15.16 11.58
N LEU A 131 -12.14 -14.13 12.05
CA LEU A 131 -11.69 -13.39 13.22
C LEU A 131 -12.04 -14.14 14.49
N ASP A 132 -13.10 -14.95 14.47
CA ASP A 132 -13.56 -15.62 15.68
C ASP A 132 -12.90 -16.97 15.92
N THR A 133 -12.36 -17.62 14.88
CA THR A 133 -11.67 -18.88 15.04
C THR A 133 -10.28 -18.77 14.43
N ASP A 134 -9.39 -19.69 14.83
CA ASP A 134 -8.00 -19.67 14.40
C ASP A 134 -7.93 -20.27 12.99
N PRO A 135 -7.57 -19.46 11.97
CA PRO A 135 -7.57 -19.98 10.59
C PRO A 135 -6.57 -21.11 10.33
N ALA A 136 -5.46 -21.17 11.08
CA ALA A 136 -4.42 -22.17 10.85
C ALA A 136 -4.71 -23.52 11.49
N SER A 137 -5.66 -23.60 12.43
CA SER A 137 -6.01 -24.85 13.09
C SER A 137 -7.43 -25.31 12.72
N LEU A 138 -7.83 -25.10 11.42
CA LEU A 138 -9.07 -25.62 10.87
C LEU A 138 -8.85 -27.02 10.31
N PRO A 139 -9.90 -27.87 10.29
CA PRO A 139 -9.70 -29.27 9.89
C PRO A 139 -9.20 -29.36 8.46
N ALA A 140 -8.17 -30.18 8.25
CA ALA A 140 -7.59 -30.33 6.92
C ALA A 140 -8.65 -30.75 5.92
N ALA A 141 -8.54 -30.24 4.68
CA ALA A 141 -9.57 -30.49 3.67
C ALA A 141 -9.07 -30.07 2.29
N PRO A 142 -9.55 -30.70 1.22
CA PRO A 142 -9.24 -30.20 -0.12
C PRO A 142 -9.99 -28.91 -0.39
N ALA A 143 -9.47 -28.12 -1.33
CA ALA A 143 -10.16 -26.88 -1.67
C ALA A 143 -11.48 -27.22 -2.37
N PRO A 144 -12.53 -26.41 -2.16
CA PRO A 144 -13.80 -26.65 -2.84
C PRO A 144 -13.73 -26.28 -4.31
N ASP A 145 -14.73 -26.76 -5.05
CA ASP A 145 -14.78 -26.57 -6.50
C ASP A 145 -15.32 -25.17 -6.79
N VAL A 146 -14.43 -24.18 -6.81
CA VAL A 146 -14.80 -22.82 -7.21
C VAL A 146 -14.34 -22.63 -8.65
N PRO A 147 -15.25 -22.45 -9.60
CA PRO A 147 -14.83 -22.15 -10.97
C PRO A 147 -14.12 -20.81 -11.03
N HIS A 148 -13.34 -20.60 -12.09
CA HIS A 148 -12.69 -19.31 -12.30
C HIS A 148 -13.61 -18.40 -13.10
N GLU A 149 -13.94 -17.28 -12.53
CA GLU A 149 -14.67 -16.19 -13.13
C GLU A 149 -13.74 -14.98 -13.25
N PRO A 150 -13.73 -14.29 -14.39
CA PRO A 150 -12.72 -13.24 -14.61
C PRO A 150 -12.96 -11.98 -13.79
N ASP A 151 -11.85 -11.34 -13.39
CA ASP A 151 -11.86 -10.06 -12.67
C ASP A 151 -12.66 -10.11 -11.37
N ARG A 152 -12.57 -11.22 -10.63
CA ARG A 152 -13.20 -11.28 -9.32
C ARG A 152 -12.55 -10.28 -8.37
N VAL A 153 -13.32 -9.86 -7.37
CA VAL A 153 -12.81 -8.95 -6.35
C VAL A 153 -11.82 -9.71 -5.45
N CYS A 154 -10.65 -9.09 -5.21
CA CYS A 154 -9.61 -9.70 -4.39
C CYS A 154 -9.58 -9.13 -2.99
N TYR A 155 -9.66 -7.82 -2.84
CA TYR A 155 -9.64 -7.31 -1.50
C TYR A 155 -10.46 -6.04 -1.40
N VAL A 156 -10.89 -5.76 -0.18
CA VAL A 156 -11.38 -4.46 0.23
C VAL A 156 -10.39 -3.92 1.26
N ILE A 157 -9.62 -2.90 0.91
CA ILE A 157 -8.67 -2.29 1.82
C ILE A 157 -9.15 -0.89 2.16
N TYR A 158 -9.07 -0.52 3.44
CA TYR A 158 -9.64 0.74 3.92
C TYR A 158 -8.58 1.82 4.00
N THR A 159 -8.91 3.00 3.48
CA THR A 159 -8.09 4.20 3.58
C THR A 159 -8.85 5.18 4.47
N SER A 160 -8.16 5.69 5.49
CA SER A 160 -8.88 6.44 6.51
C SER A 160 -8.46 7.90 6.51
N GLY A 161 -8.58 8.54 5.34
CA GLY A 161 -8.23 9.94 5.21
C GLY A 161 -9.22 10.83 5.92
N SER A 162 -10.50 10.69 5.59
CA SER A 162 -11.56 11.53 6.18
C SER A 162 -12.05 10.90 7.47
N THR A 163 -12.11 11.70 8.54
CA THR A 163 -12.58 11.21 9.84
C THR A 163 -14.09 10.96 9.80
N GLY A 164 -14.50 9.86 10.43
CA GLY A 164 -15.84 9.34 10.27
C GLY A 164 -16.21 8.97 8.85
N ARG A 165 -15.26 9.07 7.91
CA ARG A 165 -15.45 8.62 6.53
C ARG A 165 -14.29 7.72 6.12
N PRO A 166 -14.17 6.54 6.71
CA PRO A 166 -13.27 5.54 6.14
C PRO A 166 -13.87 5.02 4.84
N LYS A 167 -13.05 4.94 3.81
CA LYS A 167 -13.46 4.45 2.50
C LYS A 167 -12.90 3.07 2.27
N GLY A 168 -13.76 2.14 1.84
CA GLY A 168 -13.32 0.80 1.48
C GLY A 168 -13.03 0.67 0.01
N VAL A 169 -11.76 0.54 -0.36
CA VAL A 169 -11.37 0.35 -1.75
C VAL A 169 -11.62 -1.10 -2.14
N VAL A 170 -12.42 -1.29 -3.19
CA VAL A 170 -12.69 -2.62 -3.76
C VAL A 170 -11.74 -2.86 -4.94
N MET A 171 -10.90 -3.89 -4.85
CA MET A 171 -9.86 -4.18 -5.84
C MET A 171 -10.06 -5.56 -6.43
N ALA A 172 -10.12 -5.62 -7.74
CA ALA A 172 -10.41 -6.81 -8.53
C ALA A 172 -9.13 -7.36 -9.14
N GLU A 173 -9.24 -8.57 -9.72
CA GLU A 173 -8.07 -9.41 -9.91
C GLU A 173 -7.15 -8.89 -11.03
N ARG A 174 -7.71 -8.34 -12.12
CA ARG A 174 -6.87 -7.88 -13.23
C ARG A 174 -5.88 -6.81 -12.77
N ALA A 175 -6.37 -5.83 -12.00
CA ALA A 175 -5.48 -4.82 -11.41
C ALA A 175 -4.37 -5.46 -10.56
N VAL A 176 -4.69 -6.47 -9.75
CA VAL A 176 -3.67 -7.05 -8.88
C VAL A 176 -2.73 -7.94 -9.70
N ASP A 177 -3.27 -8.67 -10.67
CA ASP A 177 -2.41 -9.42 -11.59
C ASP A 177 -1.42 -8.50 -12.29
N ASN A 178 -1.93 -7.42 -12.89
CA ASN A 178 -1.10 -6.46 -13.61
C ASN A 178 0.02 -5.93 -12.71
N LEU A 179 -0.34 -5.55 -11.47
CA LEU A 179 0.67 -5.11 -10.50
C LEU A 179 1.71 -6.20 -10.27
N THR A 180 1.25 -7.45 -10.09
CA THR A 180 2.16 -8.54 -9.78
C THR A 180 3.16 -8.75 -10.91
N HIS A 181 2.68 -8.75 -12.16
CA HIS A 181 3.61 -8.89 -13.29
C HIS A 181 4.66 -7.79 -13.28
N TRP A 182 4.24 -6.55 -13.03
CA TRP A 182 5.20 -5.45 -12.97
C TRP A 182 6.27 -5.67 -11.90
N VAL A 183 5.85 -6.03 -10.68
CA VAL A 183 6.82 -6.18 -9.59
C VAL A 183 7.84 -7.26 -9.93
N VAL A 184 7.36 -8.42 -10.38
CA VAL A 184 8.22 -9.55 -10.75
C VAL A 184 9.18 -9.17 -11.86
N ARG A 185 8.66 -8.60 -12.95
CA ARG A 185 9.53 -8.26 -14.08
C ARG A 185 10.42 -7.06 -13.77
N ARG A 186 9.85 -5.96 -13.25
CA ARG A 186 10.66 -4.74 -13.09
C ARG A 186 11.83 -4.97 -12.13
N HIS A 187 11.63 -5.79 -11.10
CA HIS A 187 12.63 -5.97 -10.05
C HIS A 187 13.28 -7.34 -10.09
N ASP A 188 13.12 -8.08 -11.18
CA ASP A 188 13.71 -9.40 -11.37
C ASP A 188 13.56 -10.29 -10.14
N VAL A 189 12.30 -10.48 -9.72
CA VAL A 189 12.03 -11.37 -8.59
C VAL A 189 12.18 -12.81 -9.05
N ARG A 190 12.87 -13.62 -8.23
CA ARG A 190 13.25 -14.97 -8.57
C ARG A 190 12.97 -15.91 -7.39
N PRO A 191 12.89 -17.22 -7.64
CA PRO A 191 12.54 -18.18 -6.54
C PRO A 191 13.41 -18.09 -5.30
N ASP A 192 14.72 -17.81 -5.42
CA ASP A 192 15.61 -17.69 -4.27
C ASP A 192 15.50 -16.36 -3.55
N ASP A 193 14.65 -15.45 -4.01
CA ASP A 193 14.64 -14.15 -3.37
C ASP A 193 13.84 -14.19 -2.07
N ARG A 194 14.01 -13.13 -1.27
CA ARG A 194 13.32 -12.98 0.02
C ARG A 194 12.76 -11.57 0.06
N LEU A 195 11.45 -11.46 0.05
CA LEU A 195 10.75 -10.18 -0.08
C LEU A 195 10.28 -9.76 1.31
N GLY A 196 10.84 -8.67 1.83
CA GLY A 196 10.39 -8.17 3.11
C GLY A 196 9.03 -7.51 2.99
N GLN A 197 8.19 -7.67 4.02
CA GLN A 197 6.88 -7.04 4.07
C GLN A 197 6.88 -6.10 5.27
N THR A 198 7.17 -4.83 5.03
CA THR A 198 7.19 -3.87 6.13
C THR A 198 5.78 -3.44 6.50
N ALA A 199 5.02 -3.02 5.48
CA ALA A 199 3.62 -2.67 5.64
C ALA A 199 2.89 -3.83 6.33
N PRO A 200 1.94 -3.54 7.21
CA PRO A 200 0.98 -4.57 7.63
C PRO A 200 0.00 -4.86 6.50
N LEU A 201 -0.77 -5.95 6.65
CA LEU A 201 -1.67 -6.35 5.58
C LEU A 201 -2.86 -5.40 5.43
N THR A 202 -3.05 -4.49 6.40
CA THR A 202 -4.05 -3.43 6.33
C THR A 202 -3.63 -2.27 5.46
N PHE A 203 -2.38 -2.28 4.98
CA PHE A 203 -1.81 -1.22 4.16
C PHE A 203 -1.34 -1.86 2.84
N ASP A 204 -1.76 -1.28 1.70
CA ASP A 204 -1.68 -2.03 0.44
C ASP A 204 -0.27 -2.29 -0.12
N PRO A 205 0.82 -1.66 0.33
CA PRO A 205 2.14 -2.13 -0.11
C PRO A 205 2.43 -3.58 0.25
N SER A 206 1.79 -4.15 1.28
CA SER A 206 1.96 -5.57 1.56
C SER A 206 1.56 -6.42 0.36
N VAL A 207 0.50 -5.99 -0.36
CA VAL A 207 0.06 -6.64 -1.61
C VAL A 207 1.22 -6.75 -2.60
N GLN A 208 1.98 -5.67 -2.76
CA GLN A 208 3.08 -5.63 -3.72
C GLN A 208 4.23 -6.56 -3.34
N GLN A 209 4.34 -7.00 -2.08
CA GLN A 209 5.34 -7.98 -1.70
C GLN A 209 4.80 -9.41 -1.67
N VAL A 210 3.56 -9.63 -1.25
CA VAL A 210 3.08 -11.00 -1.00
C VAL A 210 2.87 -11.75 -2.31
N PHE A 211 2.16 -11.14 -3.25
CA PHE A 211 1.82 -11.91 -4.45
C PHE A 211 2.98 -12.07 -5.44
N PRO A 212 3.87 -11.07 -5.60
CA PRO A 212 5.08 -11.33 -6.40
C PRO A 212 5.94 -12.43 -5.80
N ALA A 213 5.98 -12.53 -4.47
CA ALA A 213 6.66 -13.66 -3.86
C ALA A 213 5.98 -14.97 -4.23
N TRP A 214 4.68 -15.07 -3.98
CA TRP A 214 3.98 -16.32 -4.17
C TRP A 214 3.74 -16.65 -5.63
N ALA A 215 3.90 -15.68 -6.53
CA ALA A 215 3.78 -15.97 -7.97
C ALA A 215 5.11 -16.39 -8.60
N THR A 216 6.21 -16.36 -7.82
CA THR A 216 7.53 -16.76 -8.28
C THR A 216 8.17 -17.88 -7.48
N GLY A 217 7.66 -18.18 -6.29
CA GLY A 217 8.36 -19.12 -5.45
C GLY A 217 9.36 -18.47 -4.51
N ALA A 218 9.51 -17.15 -4.55
CA ALA A 218 10.32 -16.47 -3.56
C ALA A 218 9.65 -16.59 -2.19
N CYS A 219 10.34 -16.13 -1.14
CA CYS A 219 9.82 -16.19 0.22
C CYS A 219 9.33 -14.81 0.65
N LEU A 220 8.11 -14.74 1.19
CA LEU A 220 7.60 -13.53 1.81
C LEU A 220 8.08 -13.53 3.26
N VAL A 221 8.82 -12.48 3.65
CA VAL A 221 9.38 -12.34 5.00
C VAL A 221 8.71 -11.14 5.66
N THR A 222 7.80 -11.37 6.60
CA THR A 222 7.14 -10.25 7.24
C THR A 222 8.07 -9.63 8.29
N VAL A 223 8.15 -8.30 8.28
CA VAL A 223 9.02 -7.55 9.17
C VAL A 223 8.35 -7.39 10.54
N PRO A 224 8.97 -7.90 11.60
CA PRO A 224 8.34 -7.88 12.93
C PRO A 224 8.21 -6.46 13.44
N ASP A 225 7.15 -6.24 14.23
CA ASP A 225 6.84 -4.89 14.70
C ASP A 225 7.96 -4.29 15.55
N ASP A 226 8.52 -5.06 16.49
CA ASP A 226 9.58 -4.50 17.31
C ASP A 226 10.82 -4.14 16.48
N VAL A 227 11.00 -4.76 15.31
CA VAL A 227 12.17 -4.46 14.48
C VAL A 227 11.98 -3.15 13.73
N GLN A 228 10.75 -2.89 13.25
CA GLN A 228 10.46 -1.69 12.47
C GLN A 228 10.57 -0.41 13.27
N ARG A 229 10.28 -0.45 14.57
CA ARG A 229 10.33 0.76 15.38
C ARG A 229 11.75 1.21 15.65
N ASP A 230 12.72 0.28 15.62
CA ASP A 230 14.11 0.56 15.90
C ASP A 230 14.88 0.56 14.59
N PRO A 231 15.13 1.73 13.98
CA PRO A 231 15.80 1.74 12.67
C PRO A 231 17.13 1.01 12.68
N ALA A 232 17.83 0.99 13.81
CA ALA A 232 19.12 0.31 13.88
C ALA A 232 18.94 -1.21 13.81
N ALA A 233 18.02 -1.75 14.61
CA ALA A 233 17.76 -3.18 14.61
C ALA A 233 17.19 -3.64 13.27
N PHE A 234 16.39 -2.78 12.63
CA PHE A 234 15.86 -3.04 11.29
C PHE A 234 16.99 -3.22 10.29
N LEU A 235 17.98 -2.31 10.28
CA LEU A 235 19.12 -2.46 9.39
C LEU A 235 19.85 -3.77 9.63
N ASP A 236 20.08 -4.12 10.90
CA ASP A 236 20.71 -5.40 11.22
C ASP A 236 19.82 -6.57 10.76
N TRP A 237 18.50 -6.40 10.90
CA TRP A 237 17.58 -7.47 10.54
C TRP A 237 17.57 -7.74 9.04
N LEU A 238 17.64 -6.67 8.23
CA LEU A 238 17.71 -6.84 6.77
C LEU A 238 18.95 -7.65 6.36
N ARG A 239 20.09 -7.42 7.03
CA ARG A 239 21.31 -8.18 6.72
C ARG A 239 21.18 -9.63 7.19
N ALA A 240 20.69 -9.84 8.41
CA ALA A 240 20.55 -11.20 8.93
C ALA A 240 19.52 -12.00 8.14
N GLU A 241 18.49 -11.35 7.65
CA GLU A 241 17.47 -12.07 6.90
C GLU A 241 17.75 -12.15 5.41
N ARG A 242 18.83 -11.54 4.92
CA ARG A 242 19.22 -11.62 3.51
C ARG A 242 18.08 -11.16 2.60
N VAL A 243 17.29 -10.19 3.07
CA VAL A 243 16.19 -9.63 2.28
C VAL A 243 16.72 -9.08 0.95
N THR A 244 16.03 -9.42 -0.14
CA THR A 244 16.38 -8.96 -1.49
C THR A 244 15.48 -7.83 -1.99
N HIS A 245 14.24 -7.75 -1.54
CA HIS A 245 13.29 -6.72 -1.96
C HIS A 245 12.57 -6.20 -0.74
N LEU A 246 12.55 -4.88 -0.58
CA LEU A 246 11.93 -4.24 0.56
C LEU A 246 10.98 -3.14 0.10
N ASP A 247 9.84 -3.02 0.79
CA ASP A 247 8.94 -1.88 0.71
C ASP A 247 9.14 -0.96 1.91
N LEU A 248 9.17 0.36 1.67
CA LEU A 248 9.16 1.38 2.73
C LEU A 248 8.33 2.59 2.31
N VAL A 249 7.69 3.24 3.29
CA VAL A 249 7.23 4.60 3.08
C VAL A 249 8.41 5.55 3.26
N THR A 250 8.36 6.69 2.57
CA THR A 250 9.48 7.60 2.54
C THR A 250 9.98 7.97 3.95
N SER A 251 9.05 8.22 4.88
CA SER A 251 9.46 8.68 6.21
C SER A 251 10.18 7.59 6.97
N HIS A 252 9.74 6.33 6.77
CA HIS A 252 10.40 5.21 7.42
C HIS A 252 11.81 5.01 6.88
N TRP A 253 11.99 5.19 5.58
CA TRP A 253 13.31 5.09 4.96
C TRP A 253 14.25 6.19 5.45
N VAL A 254 13.72 7.40 5.68
CA VAL A 254 14.53 8.49 6.22
C VAL A 254 15.09 8.08 7.57
N HIS A 255 14.28 7.42 8.40
CA HIS A 255 14.76 6.87 9.65
C HIS A 255 15.93 5.91 9.41
N LEU A 256 15.78 5.00 8.44
CA LEU A 256 16.87 4.08 8.11
C LEU A 256 18.11 4.84 7.67
N LEU A 257 17.91 5.95 6.95
CA LEU A 257 19.05 6.75 6.53
C LEU A 257 19.78 7.32 7.73
N ASN A 258 19.02 7.89 8.68
CA ASN A 258 19.61 8.37 9.92
C ASN A 258 20.39 7.26 10.61
N ALA A 259 19.75 6.09 10.78
CA ALA A 259 20.44 4.98 11.43
C ALA A 259 21.63 4.50 10.63
N ALA A 260 21.61 4.67 9.31
CA ALA A 260 22.76 4.29 8.49
C ALA A 260 23.90 5.31 8.61
N GLU A 261 23.56 6.60 8.75
CA GLU A 261 24.63 7.58 8.92
C GLU A 261 25.32 7.40 10.25
N ALA A 262 24.59 6.92 11.26
CA ALA A 262 25.18 6.65 12.57
C ALA A 262 25.99 5.35 12.60
N ARG A 263 25.64 4.37 11.78
CA ARG A 263 26.32 3.08 11.76
C ARG A 263 26.20 2.52 10.36
N PRO A 264 27.12 2.90 9.46
CA PRO A 264 26.99 2.49 8.05
C PRO A 264 26.86 0.97 7.92
N ALA A 265 26.06 0.55 6.95
CA ALA A 265 25.66 -0.84 6.82
C ALA A 265 26.10 -1.43 5.49
N GLU A 266 26.37 -2.73 5.53
CA GLU A 266 26.59 -3.56 4.35
C GLU A 266 25.38 -4.46 4.16
N LEU A 267 24.67 -4.29 3.04
CA LEU A 267 23.50 -5.09 2.70
C LEU A 267 23.74 -5.75 1.34
N PRO A 268 24.58 -6.79 1.30
CA PRO A 268 24.91 -7.40 -0.01
C PRO A 268 23.75 -8.10 -0.67
N ASP A 269 22.72 -8.52 0.07
CA ASP A 269 21.66 -9.29 -0.55
C ASP A 269 20.52 -8.44 -1.06
N LEU A 270 20.47 -7.17 -0.66
CA LEU A 270 19.40 -6.27 -1.02
C LEU A 270 19.61 -5.75 -2.44
N ARG A 271 18.62 -5.97 -3.32
CA ARG A 271 18.65 -5.46 -4.68
C ARG A 271 17.65 -4.35 -4.92
N TRP A 272 16.59 -4.25 -4.12
CA TRP A 272 15.53 -3.32 -4.42
C TRP A 272 14.84 -2.82 -3.16
N ILE A 273 14.73 -1.52 -3.05
CA ILE A 273 13.77 -0.90 -2.14
C ILE A 273 12.77 -0.14 -2.98
N ILE A 274 11.50 -0.52 -2.88
CA ILE A 274 10.38 0.21 -3.46
C ILE A 274 9.91 1.19 -2.41
N ILE A 275 10.11 2.48 -2.65
CA ILE A 275 9.85 3.48 -1.64
C ILE A 275 9.04 4.65 -2.20
N GLY A 276 8.19 5.22 -1.35
CA GLY A 276 7.37 6.34 -1.77
C GLY A 276 6.34 6.69 -0.74
N GLY A 277 5.63 7.77 -1.01
CA GLY A 277 4.59 8.24 -0.09
C GLY A 277 4.69 9.73 0.15
N GLU A 278 5.91 10.22 0.27
CA GLU A 278 6.17 11.63 0.49
C GLU A 278 7.32 12.05 -0.40
N THR A 279 7.39 13.35 -0.66
CA THR A 279 8.44 13.87 -1.52
C THR A 279 9.78 13.80 -0.81
N TYR A 280 10.82 13.43 -1.55
CA TYR A 280 12.17 13.47 -1.02
C TYR A 280 13.12 13.86 -2.14
N TYR A 281 14.41 14.00 -1.80
CA TYR A 281 15.32 14.82 -2.57
C TYR A 281 16.62 14.09 -2.77
N TYR A 282 17.30 14.43 -3.87
CA TYR A 282 18.52 13.72 -4.27
C TYR A 282 19.63 13.85 -3.24
N HIS A 283 19.72 14.97 -2.52
CA HIS A 283 20.74 15.09 -1.47
C HIS A 283 20.52 14.06 -0.38
N GLN A 284 19.28 13.60 -0.20
CA GLN A 284 19.05 12.55 0.77
C GLN A 284 19.44 11.19 0.21
N THR A 285 19.07 10.93 -1.05
CA THR A 285 19.38 9.65 -1.63
C THR A 285 20.87 9.52 -1.90
N HIS A 286 21.55 10.65 -2.15
CA HIS A 286 23.00 10.62 -2.26
C HIS A 286 23.61 10.23 -0.93
N ARG A 287 23.14 10.85 0.17
CA ARG A 287 23.58 10.49 1.52
C ARG A 287 23.45 9.00 1.78
N TRP A 288 22.34 8.40 1.33
CA TRP A 288 22.07 6.98 1.56
C TRP A 288 23.11 6.12 0.87
N HIS A 289 23.35 6.37 -0.41
CA HIS A 289 24.28 5.53 -1.15
C HIS A 289 25.72 5.71 -0.70
N ARG A 290 25.97 6.65 0.21
CA ARG A 290 27.25 6.96 0.83
C ARG A 290 27.51 6.13 2.08
N VAL A 291 26.49 5.87 2.88
CA VAL A 291 26.65 5.13 4.13
C VAL A 291 26.04 3.72 4.04
N VAL A 292 25.58 3.31 2.87
CA VAL A 292 25.05 1.96 2.66
C VAL A 292 25.84 1.28 1.55
N SER A 293 26.53 0.18 1.88
CA SER A 293 27.22 -0.62 0.86
C SER A 293 26.28 -1.74 0.44
N SER A 294 25.80 -1.67 -0.79
CA SER A 294 24.70 -2.52 -1.21
C SER A 294 24.47 -2.34 -2.69
N PRO A 295 24.06 -3.39 -3.40
CA PRO A 295 23.58 -3.19 -4.77
C PRO A 295 22.17 -2.65 -4.85
N ALA A 296 21.50 -2.50 -3.70
CA ALA A 296 20.09 -2.11 -3.72
C ALA A 296 19.91 -0.80 -4.49
N ARG A 297 19.01 -0.84 -5.46
CA ARG A 297 18.57 0.34 -6.17
C ARG A 297 17.28 0.83 -5.53
N LEU A 298 17.09 2.13 -5.51
CA LEU A 298 15.90 2.74 -4.94
C LEU A 298 14.90 3.01 -6.06
N ASN A 299 13.73 2.37 -5.99
CA ASN A 299 12.69 2.64 -6.98
C ASN A 299 11.63 3.51 -6.33
N THR A 300 11.67 4.81 -6.67
CA THR A 300 10.66 5.74 -6.17
C THR A 300 9.35 5.47 -6.88
N ILE A 301 8.27 5.31 -6.12
CA ILE A 301 6.94 5.13 -6.71
C ILE A 301 6.00 6.22 -6.20
N TYR A 302 4.84 6.32 -6.86
CA TYR A 302 3.72 7.10 -6.38
C TYR A 302 2.46 6.31 -6.72
N GLY A 303 1.43 6.45 -5.87
CA GLY A 303 0.18 5.79 -6.16
C GLY A 303 -0.80 5.79 -5.00
N PRO A 304 -2.08 5.98 -5.31
CA PRO A 304 -3.11 5.78 -4.29
C PRO A 304 -3.51 4.31 -4.23
N THR A 305 -4.01 3.91 -3.05
CA THR A 305 -4.64 2.60 -2.91
C THR A 305 -5.69 2.35 -3.98
N GLU A 306 -6.36 3.42 -4.43
CA GLU A 306 -7.43 3.32 -5.43
C GLU A 306 -6.93 2.91 -6.81
N ALA A 307 -5.61 2.84 -7.02
CA ALA A 307 -5.03 2.47 -8.31
C ALA A 307 -4.00 1.35 -8.14
N ALA A 308 -4.29 0.42 -7.23
CA ALA A 308 -3.53 -0.81 -7.03
C ALA A 308 -2.06 -0.53 -6.67
N VAL A 309 -1.89 0.12 -5.52
CA VAL A 309 -0.62 0.30 -4.80
C VAL A 309 0.26 1.37 -5.43
N ASN A 310 0.61 1.21 -6.71
CA ASN A 310 1.52 2.13 -7.38
C ASN A 310 0.98 2.44 -8.76
N ALA A 311 1.25 3.68 -9.18
CA ALA A 311 0.80 4.18 -10.48
C ALA A 311 1.94 4.71 -11.35
N THR A 312 3.00 5.26 -10.75
CA THR A 312 4.17 5.74 -11.47
C THR A 312 5.42 5.24 -10.77
N GLU A 313 6.54 5.31 -11.47
CA GLU A 313 7.80 4.81 -10.92
C GLU A 313 8.96 5.64 -11.47
N HIS A 314 10.05 5.71 -10.70
CA HIS A 314 11.28 6.36 -11.17
C HIS A 314 12.49 5.69 -10.55
N LEU A 315 13.37 5.16 -11.40
CA LEU A 315 14.62 4.57 -10.94
C LEU A 315 15.58 5.66 -10.44
N THR A 316 15.96 5.62 -9.17
CA THR A 316 16.59 6.78 -8.54
C THR A 316 18.10 6.76 -8.74
N GLU A 317 18.59 7.80 -9.43
CA GLU A 317 20.00 7.88 -9.82
C GLU A 317 20.89 8.12 -8.60
N PRO A 318 21.93 7.32 -8.39
CA PRO A 318 22.77 7.52 -7.21
C PRO A 318 23.81 8.64 -7.36
N ASP A 319 24.05 9.19 -8.55
CA ASP A 319 25.06 10.24 -8.69
C ASP A 319 24.51 11.62 -8.31
N LEU A 320 23.26 11.91 -8.71
CA LEU A 320 22.69 13.23 -8.44
C LEU A 320 22.64 13.50 -6.94
N ASP A 321 22.87 14.77 -6.57
CA ASP A 321 22.95 15.19 -5.18
C ASP A 321 22.11 16.43 -4.90
N HIS A 322 21.32 16.91 -5.85
CA HIS A 322 20.52 18.12 -5.63
C HIS A 322 19.20 17.97 -6.36
N GLY A 323 18.15 18.53 -5.78
CA GLY A 323 16.85 18.59 -6.43
C GLY A 323 15.87 17.55 -5.90
N GLN A 324 14.60 17.78 -6.23
CA GLN A 324 13.51 16.89 -5.87
C GLN A 324 13.45 15.66 -6.79
N VAL A 325 13.29 14.48 -6.21
CA VAL A 325 13.17 13.25 -7.01
C VAL A 325 11.77 13.22 -7.64
N PRO A 326 11.66 12.95 -8.93
CA PRO A 326 10.34 12.91 -9.54
C PRO A 326 9.70 11.56 -9.30
N ILE A 327 8.37 11.54 -9.30
CA ILE A 327 7.69 10.26 -9.14
C ILE A 327 7.69 9.43 -10.42
N GLY A 328 8.07 10.01 -11.56
CA GLY A 328 8.44 9.23 -12.73
C GLY A 328 7.39 8.94 -13.77
N VAL A 329 7.49 7.76 -14.39
CA VAL A 329 6.65 7.36 -15.54
C VAL A 329 5.59 6.36 -15.10
N PRO A 330 4.48 6.20 -15.83
CA PRO A 330 3.43 5.30 -15.35
C PRO A 330 3.84 3.83 -15.43
N LEU A 331 3.31 3.03 -14.49
CA LEU A 331 3.46 1.59 -14.53
C LEU A 331 2.77 1.06 -15.79
N PRO A 332 3.08 -0.18 -16.20
CA PRO A 332 2.48 -0.72 -17.44
C PRO A 332 0.95 -0.71 -17.39
N ASN A 333 0.34 -0.16 -18.44
CA ASN A 333 -1.11 -0.05 -18.58
C ASN A 333 -1.73 0.97 -17.63
N TYR A 334 -0.93 1.85 -17.03
CA TYR A 334 -1.45 3.01 -16.32
C TYR A 334 -1.40 4.23 -17.22
N ARG A 335 -2.24 5.20 -16.94
CA ARG A 335 -2.26 6.42 -17.73
C ARG A 335 -2.69 7.54 -16.80
N LEU A 336 -1.90 8.61 -16.74
CA LEU A 336 -2.13 9.69 -15.78
C LEU A 336 -2.20 11.02 -16.52
N TYR A 337 -3.04 11.90 -16.03
CA TYR A 337 -3.26 13.20 -16.65
C TYR A 337 -3.24 14.26 -15.56
N ALA A 338 -2.60 15.40 -15.84
CA ALA A 338 -2.64 16.57 -14.95
C ALA A 338 -3.70 17.53 -15.49
N LEU A 339 -4.79 17.67 -14.74
CA LEU A 339 -5.95 18.44 -15.16
C LEU A 339 -6.16 19.65 -14.25
N ASP A 340 -6.69 20.73 -14.82
CA ASP A 340 -6.96 21.92 -14.03
C ASP A 340 -8.37 21.86 -13.46
N ASP A 341 -8.77 22.95 -12.80
CA ASP A 341 -10.10 23.06 -12.21
C ASP A 341 -11.19 22.75 -13.24
N ASP A 342 -10.97 23.16 -14.49
CA ASP A 342 -11.93 22.97 -15.57
C ASP A 342 -11.87 21.58 -16.18
N GLY A 343 -10.90 20.76 -15.81
CA GLY A 343 -10.71 19.48 -16.48
C GLY A 343 -9.90 19.53 -17.74
N ARG A 344 -9.20 20.63 -18.00
CA ARG A 344 -8.33 20.74 -19.17
C ARG A 344 -6.97 20.16 -18.84
N LEU A 345 -6.36 19.50 -19.82
CA LEU A 345 -5.07 18.85 -19.65
C LEU A 345 -3.97 19.91 -19.65
N CYS A 346 -3.20 19.95 -18.56
CA CYS A 346 -2.21 21.01 -18.39
C CYS A 346 -1.04 20.88 -19.39
N PRO A 347 -0.56 21.99 -19.92
CA PRO A 347 0.69 21.94 -20.69
C PRO A 347 1.81 21.42 -19.83
N PRO A 348 2.83 20.81 -20.43
CA PRO A 348 4.04 20.46 -19.68
C PRO A 348 4.53 21.64 -18.86
N GLY A 349 4.90 21.36 -17.61
CA GLY A 349 5.42 22.36 -16.70
C GLY A 349 4.38 23.02 -15.82
N ILE A 350 3.10 22.89 -16.14
CA ILE A 350 2.02 23.53 -15.40
C ILE A 350 1.42 22.54 -14.42
N THR A 351 1.28 22.95 -13.16
CA THR A 351 0.79 22.07 -12.12
C THR A 351 -0.72 21.84 -12.27
N GLY A 352 -1.13 20.57 -12.15
CA GLY A 352 -2.52 20.19 -12.20
C GLY A 352 -2.81 19.04 -11.26
N GLU A 353 -4.10 18.68 -11.18
CA GLU A 353 -4.52 17.56 -10.34
C GLU A 353 -4.38 16.25 -11.13
N ILE A 354 -3.73 15.26 -10.54
CA ILE A 354 -3.58 13.95 -11.17
C ILE A 354 -4.91 13.21 -11.21
N HIS A 355 -5.30 12.76 -12.40
CA HIS A 355 -6.33 11.74 -12.61
C HIS A 355 -5.68 10.51 -13.20
N ILE A 356 -6.08 9.33 -12.74
CA ILE A 356 -5.44 8.07 -13.09
C ILE A 356 -6.42 7.20 -13.87
N ALA A 357 -5.91 6.52 -14.90
CA ALA A 357 -6.69 5.65 -15.79
C ALA A 357 -5.96 4.32 -15.89
N GLY A 358 -6.64 3.30 -16.41
CA GLY A 358 -5.98 2.08 -16.81
C GLY A 358 -6.28 0.88 -15.94
N ALA A 359 -5.39 -0.12 -16.04
CA ALA A 359 -5.68 -1.45 -15.54
C ALA A 359 -5.61 -1.54 -14.01
N GLY A 360 -5.07 -0.55 -13.34
CA GLY A 360 -4.89 -0.55 -11.90
C GLY A 360 -6.05 -0.03 -11.08
N LEU A 361 -7.10 0.49 -11.72
CA LEU A 361 -8.19 1.13 -10.99
C LEU A 361 -9.04 0.12 -10.24
N ALA A 362 -9.39 0.47 -9.00
CA ALA A 362 -10.42 -0.20 -8.22
C ALA A 362 -11.73 -0.30 -8.98
N ARG A 363 -12.57 -1.28 -8.64
CA ARG A 363 -13.96 -1.20 -9.07
C ARG A 363 -14.60 0.09 -8.58
N GLY A 364 -14.23 0.49 -7.37
CA GLY A 364 -14.68 1.72 -6.73
C GLY A 364 -14.53 1.58 -5.22
N TYR A 365 -15.33 2.37 -4.52
CA TYR A 365 -15.47 2.21 -3.09
C TYR A 365 -16.70 1.34 -2.79
N ARG A 366 -16.80 0.88 -1.54
CA ARG A 366 -18.04 0.24 -1.09
C ARG A 366 -19.18 1.26 -1.02
N SER A 367 -18.87 2.48 -0.60
CA SER A 367 -19.84 3.57 -0.58
C SER A 367 -20.08 4.14 -1.99
N ALA A 368 -21.36 4.18 -2.39
CA ALA A 368 -21.74 4.77 -3.68
C ALA A 368 -21.41 6.25 -3.75
N GLU A 369 -21.66 7.00 -2.66
CA GLU A 369 -21.35 8.42 -2.69
C GLU A 369 -19.87 8.65 -2.95
N ALA A 370 -19.01 7.98 -2.17
CA ALA A 370 -17.58 8.14 -2.38
C ALA A 370 -17.20 7.74 -3.79
N THR A 371 -17.80 6.67 -4.32
CA THR A 371 -17.45 6.24 -5.68
C THR A 371 -17.81 7.30 -6.70
N ALA A 372 -19.01 7.88 -6.57
CA ALA A 372 -19.50 8.85 -7.53
C ALA A 372 -18.71 10.16 -7.49
N LYS A 373 -18.16 10.50 -6.33
CA LYS A 373 -17.36 11.72 -6.19
C LYS A 373 -15.92 11.60 -6.70
N ALA A 374 -15.45 10.39 -7.03
CA ALA A 374 -14.00 10.22 -7.31
C ALA A 374 -13.70 9.58 -8.66
N PHE A 375 -14.62 8.76 -9.18
CA PHE A 375 -14.48 8.12 -10.48
C PHE A 375 -15.42 8.79 -11.48
N HIS A 376 -14.93 8.99 -12.69
CA HIS A 376 -15.67 9.73 -13.70
C HIS A 376 -15.07 9.43 -15.05
N GLU A 377 -15.82 9.78 -16.10
CA GLU A 377 -15.43 9.56 -17.48
C GLU A 377 -15.15 10.90 -18.14
N LEU A 378 -14.03 10.96 -18.87
CA LEU A 378 -13.64 12.17 -19.58
C LEU A 378 -12.98 11.79 -20.88
N GLU A 379 -13.37 12.46 -21.95
CA GLU A 379 -12.66 12.33 -23.22
C GLU A 379 -11.44 13.25 -23.15
N VAL A 380 -10.27 12.68 -22.91
CA VAL A 380 -9.05 13.46 -22.67
C VAL A 380 -8.35 13.80 -23.97
N HIS A 381 -8.35 12.89 -24.94
CA HIS A 381 -7.87 13.13 -26.28
C HIS A 381 -9.01 12.82 -27.25
N SER A 382 -8.89 13.28 -28.48
CA SER A 382 -9.89 12.92 -29.49
C SER A 382 -9.91 11.41 -29.70
N GLY A 383 -11.04 10.78 -29.38
CA GLY A 383 -11.18 9.34 -29.53
C GLY A 383 -10.75 8.50 -28.34
N ARG A 384 -10.41 9.11 -27.20
CA ARG A 384 -9.99 8.36 -26.02
C ARG A 384 -10.80 8.83 -24.82
N THR A 385 -11.87 8.10 -24.50
CA THR A 385 -12.65 8.35 -23.31
C THR A 385 -12.17 7.44 -22.18
N GLU A 386 -11.62 8.05 -21.15
CA GLU A 386 -11.01 7.32 -20.04
C GLU A 386 -11.98 7.24 -18.87
N ARG A 387 -11.96 6.12 -18.18
CA ARG A 387 -12.45 6.08 -16.80
C ARG A 387 -11.32 6.54 -15.90
N LEU A 388 -11.54 7.60 -15.12
CA LEU A 388 -10.48 8.21 -14.35
C LEU A 388 -10.78 8.13 -12.86
N TYR A 389 -9.73 8.11 -12.05
CA TYR A 389 -9.84 8.34 -10.62
C TYR A 389 -9.19 9.67 -10.29
N ARG A 390 -9.95 10.55 -9.62
CA ARG A 390 -9.49 11.88 -9.24
C ARG A 390 -8.75 11.80 -7.90
N THR A 391 -7.44 12.07 -7.92
CA THR A 391 -6.57 11.70 -6.79
C THR A 391 -6.59 12.69 -5.63
N GLY A 392 -6.79 13.99 -5.91
CA GLY A 392 -6.52 15.03 -4.94
C GLY A 392 -5.07 15.46 -4.86
N ASP A 393 -4.20 14.87 -5.68
CA ASP A 393 -2.77 15.14 -5.68
C ASP A 393 -2.43 16.04 -6.87
N LEU A 394 -1.40 16.87 -6.68
CA LEU A 394 -0.94 17.80 -7.70
C LEU A 394 0.42 17.39 -8.22
N ALA A 395 0.65 17.63 -9.52
CA ALA A 395 1.91 17.26 -10.15
C ALA A 395 2.01 18.02 -11.45
N ARG A 396 3.23 18.10 -11.98
CA ARG A 396 3.46 18.69 -13.30
C ARG A 396 4.34 17.76 -14.13
N LEU A 397 4.18 17.84 -15.45
CA LEU A 397 4.98 17.05 -16.36
C LEU A 397 6.27 17.78 -16.66
N VAL A 398 7.42 17.11 -16.44
CA VAL A 398 8.71 17.75 -16.64
C VAL A 398 9.58 16.86 -17.53
N ARG A 399 10.65 17.45 -18.02
CA ARG A 399 11.68 16.72 -18.72
C ARG A 399 12.76 16.34 -17.71
N HIS A 400 13.00 15.04 -17.55
CA HIS A 400 14.02 14.53 -16.65
C HIS A 400 14.88 13.55 -17.43
N ALA A 401 16.13 13.91 -17.68
CA ALA A 401 17.01 13.15 -18.57
C ALA A 401 16.34 13.10 -19.95
N ASP A 402 16.18 11.92 -20.54
CA ASP A 402 15.58 11.80 -21.87
C ASP A 402 14.07 11.63 -21.83
N ARG A 403 13.46 11.64 -20.65
CA ARG A 403 12.09 11.18 -20.48
C ARG A 403 11.19 12.28 -19.96
N TRP A 404 9.90 12.20 -20.31
CA TRP A 404 8.87 12.96 -19.62
C TRP A 404 8.55 12.28 -18.29
N ALA A 405 8.37 13.09 -17.25
CA ALA A 405 8.16 12.56 -15.92
C ALA A 405 7.23 13.48 -15.17
N LEU A 406 6.48 12.92 -14.23
CA LEU A 406 5.67 13.71 -13.32
C LEU A 406 6.50 14.09 -12.11
N GLU A 407 6.29 15.30 -11.63
CA GLU A 407 6.92 15.80 -10.41
C GLU A 407 5.82 16.17 -9.43
N PHE A 408 5.80 15.50 -8.26
CA PHE A 408 4.74 15.75 -7.30
C PHE A 408 4.80 17.17 -6.78
N GLN A 409 3.62 17.78 -6.58
CA GLN A 409 3.52 19.21 -6.24
C GLN A 409 2.75 19.52 -4.96
N GLY A 410 2.12 18.54 -4.31
CA GLY A 410 1.31 18.78 -3.14
C GLY A 410 -0.09 18.23 -3.30
N ARG A 411 -0.91 18.48 -2.28
CA ARG A 411 -2.31 18.07 -2.29
C ARG A 411 -3.21 19.30 -2.40
N VAL A 412 -4.46 19.06 -2.78
CA VAL A 412 -5.44 20.14 -2.80
C VAL A 412 -5.95 20.47 -1.37
N ASP A 413 -6.06 19.47 -0.51
CA ASP A 413 -6.46 19.67 0.89
C ASP A 413 -5.30 19.48 1.87
N SER A 414 -4.07 19.41 1.36
CA SER A 414 -2.80 19.20 2.07
C SER A 414 -2.92 18.73 3.51
N GLN A 415 -3.34 17.47 3.71
CA GLN A 415 -3.32 16.84 5.02
C GLN A 415 -1.97 16.15 5.23
N VAL A 416 -1.66 15.85 6.50
CA VAL A 416 -0.37 15.29 6.85
C VAL A 416 -0.41 13.76 6.75
N LYS A 417 0.78 13.16 6.69
CA LYS A 417 0.95 11.71 6.71
C LYS A 417 1.77 11.32 7.94
N ILE A 418 1.39 10.22 8.59
CA ILE A 418 2.14 9.68 9.72
C ILE A 418 2.41 8.21 9.43
N SER A 419 3.69 7.85 9.31
CA SER A 419 4.14 6.50 8.95
C SER A 419 3.42 5.99 7.69
N GLY A 420 3.31 6.87 6.68
CA GLY A 420 2.74 6.54 5.40
C GLY A 420 1.23 6.62 5.30
N TYR A 421 0.52 6.98 6.39
CA TYR A 421 -0.94 6.97 6.43
C TYR A 421 -1.49 8.39 6.42
N ARG A 422 -2.29 8.72 5.39
CA ARG A 422 -3.00 9.99 5.35
C ARG A 422 -3.93 10.10 6.56
N VAL A 423 -3.81 11.20 7.31
CA VAL A 423 -4.67 11.46 8.47
C VAL A 423 -4.90 12.97 8.59
N GLU A 424 -6.01 13.33 9.24
CA GLU A 424 -6.37 14.72 9.45
C GLU A 424 -5.88 15.18 10.81
N LEU A 425 -5.36 16.41 10.87
CA LEU A 425 -4.99 17.02 12.15
C LEU A 425 -6.16 17.04 13.13
N GLU A 426 -7.39 17.17 12.62
CA GLU A 426 -8.56 17.44 13.45
C GLU A 426 -9.13 16.19 14.13
N GLU A 427 -8.79 15.00 13.65
CA GLU A 427 -9.30 13.79 14.32
C GLU A 427 -8.59 13.54 15.64
N VAL A 428 -7.28 13.76 15.70
CA VAL A 428 -6.56 13.54 16.95
C VAL A 428 -6.88 14.64 17.96
N ASP A 429 -7.24 15.83 17.47
CA ASP A 429 -7.71 16.89 18.37
C ASP A 429 -9.03 16.51 19.04
N ALA A 430 -9.97 15.96 18.27
CA ALA A 430 -11.26 15.56 18.82
C ALA A 430 -11.14 14.34 19.73
N ALA A 431 -10.13 13.49 19.49
CA ALA A 431 -10.00 12.26 20.27
C ALA A 431 -9.52 12.53 21.69
N VAL A 432 -8.57 13.45 21.84
CA VAL A 432 -8.09 13.82 23.17
C VAL A 432 -9.08 14.74 23.88
N LYS A 433 -9.79 15.59 23.13
CA LYS A 433 -10.85 16.45 23.70
C LYS A 433 -12.02 15.63 24.22
N ALA A 434 -12.26 14.44 23.64
CA ALA A 434 -13.38 13.59 24.02
C ALA A 434 -13.08 12.70 25.24
N VAL A 435 -11.84 12.69 25.72
CA VAL A 435 -11.48 11.99 26.95
C VAL A 435 -12.04 12.79 28.12
N PRO A 436 -13.02 12.26 28.87
CA PRO A 436 -13.64 13.04 29.95
C PRO A 436 -12.62 13.45 31.00
N GLY A 437 -12.43 14.76 31.15
CA GLY A 437 -11.36 15.32 31.95
C GLY A 437 -10.43 16.22 31.17
N VAL A 438 -10.28 15.96 29.88
CA VAL A 438 -9.47 16.79 29.02
C VAL A 438 -10.40 17.78 28.33
N ARG A 439 -9.82 18.86 27.79
CA ARG A 439 -10.60 20.06 27.51
C ARG A 439 -10.25 20.64 26.14
N ASP A 440 -9.24 21.49 26.09
CA ASP A 440 -8.60 21.89 24.83
C ASP A 440 -7.43 20.95 24.54
N ALA A 441 -7.11 20.79 23.25
CA ALA A 441 -5.95 20.01 22.87
C ALA A 441 -5.45 20.49 21.51
N ALA A 442 -4.12 20.61 21.37
CA ALA A 442 -3.49 20.93 20.11
C ALA A 442 -2.45 19.85 19.80
N VAL A 443 -2.50 19.31 18.59
CA VAL A 443 -1.58 18.25 18.18
C VAL A 443 -0.76 18.77 16.99
N VAL A 444 0.58 18.71 17.12
CA VAL A 444 1.51 19.16 16.10
C VAL A 444 2.38 17.97 15.70
N VAL A 445 2.95 18.06 14.49
CA VAL A 445 3.83 17.03 13.95
C VAL A 445 5.27 17.50 14.10
N ARG A 446 6.02 16.83 14.97
CA ARG A 446 7.42 17.16 15.15
C ARG A 446 8.25 15.89 15.11
N LEU A 453 4.58 12.92 16.33
CA LEU A 453 3.30 13.49 16.74
C LEU A 453 3.30 13.85 18.22
N VAL A 454 3.23 15.14 18.52
CA VAL A 454 3.23 15.66 19.89
C VAL A 454 1.83 16.19 20.22
N CYS A 455 1.48 16.15 21.51
CA CYS A 455 0.17 16.60 21.98
C CYS A 455 0.34 17.47 23.23
N CYS A 456 -0.30 18.64 23.23
CA CYS A 456 -0.42 19.48 24.41
C CYS A 456 -1.90 19.63 24.76
N TYR A 457 -2.26 19.29 25.99
CA TYR A 457 -3.67 19.27 26.39
C TYR A 457 -3.83 19.92 27.76
N VAL A 458 -5.06 20.41 28.01
CA VAL A 458 -5.43 21.07 29.26
C VAL A 458 -6.41 20.17 30.01
N GLY A 459 -6.10 19.86 31.26
CA GLY A 459 -6.95 19.07 32.10
C GLY A 459 -6.12 18.15 32.98
N ASP A 460 -6.75 17.62 34.03
CA ASP A 460 -6.06 16.84 35.05
C ASP A 460 -6.27 15.33 34.83
N VAL A 461 -5.81 14.87 33.67
CA VAL A 461 -5.72 13.45 33.37
C VAL A 461 -4.24 13.15 33.15
N PRO A 462 -3.57 12.46 34.08
CA PRO A 462 -2.13 12.26 33.94
C PRO A 462 -1.82 11.51 32.65
N PRO A 463 -0.67 11.80 32.02
CA PRO A 463 -0.41 11.29 30.66
C PRO A 463 -0.45 9.76 30.54
N ASP A 464 -0.46 9.02 31.65
CA ASP A 464 -0.59 7.56 31.60
C ASP A 464 -2.05 7.14 31.43
N ARG A 465 -2.95 7.72 32.22
CA ARG A 465 -4.37 7.42 32.07
C ARG A 465 -4.92 7.94 30.74
N LEU A 466 -4.34 9.02 30.20
CA LEU A 466 -4.69 9.51 28.87
C LEU A 466 -4.20 8.55 27.79
N ARG A 467 -2.95 8.09 27.91
CA ARG A 467 -2.42 7.03 27.05
C ARG A 467 -3.38 5.85 26.93
N SER A 468 -3.89 5.38 28.08
CA SER A 468 -4.76 4.20 28.10
C SER A 468 -6.10 4.48 27.42
N ARG A 469 -6.66 5.67 27.63
CA ARG A 469 -7.94 6.00 27.03
C ARG A 469 -7.82 6.25 25.52
N LEU A 470 -6.63 6.63 25.02
CA LEU A 470 -6.45 6.91 23.60
C LEU A 470 -6.21 5.66 22.76
N THR A 471 -5.42 4.70 23.26
CA THR A 471 -5.22 3.45 22.54
C THR A 471 -6.49 2.63 22.44
N GLU A 472 -7.46 2.86 23.33
CA GLU A 472 -8.76 2.21 23.21
C GLU A 472 -9.65 2.88 22.16
N ARG A 473 -9.38 4.16 21.84
CA ARG A 473 -10.16 4.98 20.92
C ARG A 473 -9.54 5.12 19.53
N LEU A 474 -8.22 5.20 19.45
CA LEU A 474 -7.49 5.43 18.21
C LEU A 474 -6.64 4.22 17.83
N PRO A 475 -6.29 4.06 16.56
CA PRO A 475 -5.31 3.04 16.19
C PRO A 475 -3.94 3.42 16.74
N ALA A 476 -3.05 2.43 16.82
CA ALA A 476 -1.78 2.62 17.51
C ALA A 476 -0.93 3.70 16.86
N TYR A 477 -1.11 3.95 15.56
CA TYR A 477 -0.32 4.92 14.81
C TYR A 477 -0.82 6.37 14.95
N LEU A 478 -1.94 6.61 15.66
CA LEU A 478 -2.46 7.96 15.84
C LEU A 478 -2.43 8.43 17.30
N VAL A 479 -2.03 7.59 18.23
CA VAL A 479 -1.83 7.95 19.64
C VAL A 479 -0.51 8.71 19.74
N PRO A 480 -0.51 10.01 20.08
CA PRO A 480 0.71 10.83 19.96
C PRO A 480 1.91 10.28 20.74
N HIS A 481 3.10 10.49 20.18
CA HIS A 481 4.34 10.02 20.81
C HIS A 481 4.59 10.70 22.15
N LEU A 482 4.22 11.98 22.27
CA LEU A 482 4.37 12.73 23.51
C LEU A 482 3.01 13.32 23.86
N LEU A 483 2.69 13.31 25.15
CA LEU A 483 1.45 13.88 25.67
C LEU A 483 1.80 14.82 26.83
N VAL A 484 1.88 16.11 26.54
CA VAL A 484 2.40 17.11 27.46
C VAL A 484 1.22 17.86 28.08
N PRO A 485 1.05 17.82 29.40
CA PRO A 485 -0.02 18.63 30.02
C PRO A 485 0.41 20.08 30.14
N VAL A 486 -0.45 20.99 29.65
CA VAL A 486 -0.18 22.43 29.62
C VAL A 486 -1.38 23.18 30.20
N GLU A 487 -1.14 24.42 30.63
CA GLU A 487 -2.15 25.23 31.31
C GLU A 487 -2.96 26.10 30.35
N ALA A 488 -2.34 26.61 29.30
CA ALA A 488 -3.02 27.40 28.29
C ALA A 488 -2.37 27.15 26.95
N LEU A 489 -3.06 27.55 25.89
CA LEU A 489 -2.58 27.29 24.53
C LEU A 489 -1.98 28.54 23.90
CA MYN B . 0.52 3.52 -1.09
N MYN B . -0.29 2.72 -2.02
C MYN B . -0.39 4.60 -0.50
CB MYN B . 1.79 4.11 -1.78
CG MYN B . 2.77 4.79 -0.79
CD MYN B . 3.57 3.75 -0.03
NE MYN B . 4.04 2.67 -0.90
CZ MYN B . 3.39 2.39 -2.15
N1 MYN B . 2.33 3.05 -2.59
NZ MYN B . 3.97 1.31 -2.90
O MYN B . 0.12 5.32 0.54
OXT MYN B . -1.55 4.90 -0.82
#